data_4WUI
#
_entry.id   4WUI
#
_cell.length_a   49.423
_cell.length_b   64.289
_cell.length_c   66.414
_cell.angle_alpha   90.00
_cell.angle_beta   90.00
_cell.angle_gamma   90.00
#
_symmetry.space_group_name_H-M   'P 21 21 21'
#
loop_
_entity.id
_entity.type
_entity.pdbx_description
1 polymer "N-(5'-phosphoribosyl)anthranilate isomerase"
2 non-polymer 'CITRIC ACID'
3 water water
#
_entity_poly.entity_id   1
_entity_poly.type   'polypeptide(L)'
_entity_poly.pdbx_seq_one_letter_code
;SNAMYIKVCGLTDPHAIDAAQAAHVDAIGFVHAPTSPRHLTPPHISTLTATVDCTIDTVLVVATTPIADALALAESTGVS
VLQLHGQYSDDDVAYAAARFPRVWRATSLSASPNLTVGAYGEELLLLDAPQAGSGHTWDFAALAHRRPTGRWLLAGGLTP
DNVADAITTTSPWGVDVSSGVESAPGVKDPAKIAAFVQAARGVSCPR
;
_entity_poly.pdbx_strand_id   A
#
# COMPACT_ATOMS: atom_id res chain seq x y z
N ALA A 3 14.65 1.51 9.38
CA ALA A 3 13.65 2.26 8.57
C ALA A 3 12.32 1.51 8.61
N MET A 4 11.26 2.25 8.34
CA MET A 4 9.88 1.71 8.37
C MET A 4 9.12 2.39 7.26
N TYR A 5 8.94 1.73 6.13
CA TYR A 5 8.29 2.36 4.98
C TYR A 5 6.78 2.49 5.24
N ILE A 6 6.22 3.67 4.97
CA ILE A 6 4.80 3.92 5.21
C ILE A 6 4.11 4.30 3.91
N LYS A 7 3.15 3.48 3.50
CA LYS A 7 2.29 3.77 2.36
C LYS A 7 0.88 4.04 2.83
N VAL A 8 0.29 5.15 2.34
N VAL A 8 0.31 5.14 2.33
CA VAL A 8 -1.15 5.40 2.48
CA VAL A 8 -1.12 5.39 2.46
C VAL A 8 -1.79 5.14 1.12
C VAL A 8 -1.74 5.09 1.10
N CYS A 9 -2.71 4.19 1.09
CA CYS A 9 -3.29 3.72 -0.14
C CYS A 9 -4.69 4.25 -0.36
N GLY A 10 -5.08 4.40 -1.61
CA GLY A 10 -6.44 4.77 -1.91
C GLY A 10 -6.78 6.22 -1.66
N LEU A 11 -5.86 7.13 -2.04
CA LEU A 11 -6.15 8.56 -1.92
C LEU A 11 -6.90 9.02 -3.15
N THR A 12 -7.76 10.02 -2.96
CA THR A 12 -8.61 10.48 -4.05
C THR A 12 -8.67 12.00 -4.24
N ASP A 13 -7.99 12.78 -3.41
CA ASP A 13 -8.06 14.23 -3.56
C ASP A 13 -6.79 14.89 -3.07
N PRO A 14 -6.56 16.13 -3.53
CA PRO A 14 -5.43 16.91 -3.02
C PRO A 14 -5.46 17.12 -1.52
N HIS A 15 -6.64 17.22 -0.93
CA HIS A 15 -6.72 17.45 0.51
C HIS A 15 -5.97 16.31 1.24
N ALA A 16 -6.14 15.08 0.77
CA ALA A 16 -5.44 13.93 1.35
C ALA A 16 -3.96 13.90 0.99
N ILE A 17 -3.62 14.23 -0.25
CA ILE A 17 -2.22 14.29 -0.65
C ILE A 17 -1.48 15.29 0.21
N ASP A 18 -2.07 16.45 0.48
CA ASP A 18 -1.41 17.44 1.30
C ASP A 18 -1.09 16.88 2.69
N ALA A 19 -2.02 16.13 3.26
CA ALA A 19 -1.77 15.53 4.59
C ALA A 19 -0.67 14.48 4.51
N ALA A 20 -0.67 13.68 3.46
CA ALA A 20 0.37 12.67 3.30
C ALA A 20 1.76 13.31 3.15
N GLN A 21 1.86 14.42 2.39
N GLN A 21 1.83 14.42 2.42
CA GLN A 21 3.13 15.13 2.23
CA GLN A 21 3.08 15.13 2.26
C GLN A 21 3.55 15.76 3.56
C GLN A 21 3.52 15.71 3.59
N ALA A 22 2.60 16.33 4.30
CA ALA A 22 2.91 16.97 5.57
C ALA A 22 3.42 15.95 6.61
N ALA A 23 2.93 14.72 6.53
CA ALA A 23 3.35 13.65 7.42
C ALA A 23 4.59 12.91 6.90
N HIS A 24 5.10 13.29 5.73
CA HIS A 24 6.30 12.69 5.15
C HIS A 24 6.16 11.19 4.98
N VAL A 25 5.02 10.75 4.44
CA VAL A 25 4.88 9.34 4.09
C VAL A 25 5.86 8.98 2.99
N ASP A 26 6.04 7.68 2.78
CA ASP A 26 6.92 7.18 1.75
C ASP A 26 6.26 6.87 0.43
N ALA A 27 4.95 6.58 0.45
CA ALA A 27 4.24 6.21 -0.77
C ALA A 27 2.78 6.59 -0.66
N ILE A 28 2.20 6.87 -1.81
CA ILE A 28 0.76 7.13 -1.96
C ILE A 28 0.24 6.22 -3.05
N GLY A 29 -0.83 5.48 -2.76
CA GLY A 29 -1.52 4.67 -3.75
C GLY A 29 -2.75 5.34 -4.32
N PHE A 30 -2.90 5.18 -5.62
CA PHE A 30 -4.07 5.62 -6.41
C PHE A 30 -4.70 4.36 -6.98
N VAL A 31 -5.93 4.09 -6.58
CA VAL A 31 -6.61 2.87 -6.93
C VAL A 31 -7.38 3.03 -8.24
N HIS A 32 -7.16 2.07 -9.15
CA HIS A 32 -7.92 1.95 -10.36
C HIS A 32 -8.51 0.56 -10.34
N ALA A 33 -9.77 0.50 -9.95
CA ALA A 33 -10.46 -0.78 -9.64
C ALA A 33 -11.92 -0.40 -9.52
N PRO A 34 -12.70 -0.57 -10.60
CA PRO A 34 -14.09 -0.11 -10.61
C PRO A 34 -14.99 -0.69 -9.52
N THR A 35 -14.58 -1.77 -8.89
CA THR A 35 -15.33 -2.35 -7.79
C THR A 35 -15.03 -1.70 -6.44
N SER A 36 -14.11 -0.75 -6.39
CA SER A 36 -13.66 -0.14 -5.13
C SER A 36 -14.25 1.23 -4.95
N PRO A 37 -14.58 1.61 -3.71
CA PRO A 37 -15.00 2.99 -3.45
C PRO A 37 -13.87 4.00 -3.61
N ARG A 38 -12.62 3.54 -3.70
N ARG A 38 -12.63 3.54 -3.73
CA ARG A 38 -11.47 4.40 -3.90
CA ARG A 38 -11.48 4.42 -3.92
C ARG A 38 -11.11 4.55 -5.39
C ARG A 38 -11.08 4.53 -5.39
N HIS A 39 -11.92 4.00 -6.29
CA HIS A 39 -11.63 4.01 -7.73
C HIS A 39 -11.41 5.41 -8.29
N LEU A 40 -10.42 5.51 -9.16
CA LEU A 40 -10.10 6.71 -9.91
C LEU A 40 -10.00 6.37 -11.40
N THR A 41 -10.45 7.29 -12.23
CA THR A 41 -10.31 7.14 -13.68
C THR A 41 -8.89 7.55 -14.11
N PRO A 42 -8.49 7.13 -15.33
CA PRO A 42 -7.12 7.47 -15.77
C PRO A 42 -6.79 8.95 -15.78
N PRO A 43 -7.69 9.82 -16.29
CA PRO A 43 -7.35 11.24 -16.27
C PRO A 43 -7.12 11.77 -14.86
N HIS A 44 -7.90 11.26 -13.91
CA HIS A 44 -7.78 11.73 -12.54
C HIS A 44 -6.49 11.22 -11.90
N ILE A 45 -6.16 9.96 -12.13
CA ILE A 45 -4.88 9.44 -11.62
C ILE A 45 -3.72 10.26 -12.20
N SER A 46 -3.81 10.63 -13.47
N SER A 46 -3.78 10.60 -13.47
CA SER A 46 -2.76 11.38 -14.12
CA SER A 46 -2.72 11.36 -14.07
C SER A 46 -2.54 12.75 -13.49
C SER A 46 -2.55 12.71 -13.37
N THR A 47 -3.61 13.48 -13.18
CA THR A 47 -3.42 14.77 -12.55
C THR A 47 -2.97 14.62 -11.10
N LEU A 48 -3.53 13.68 -10.37
CA LEU A 48 -3.14 13.50 -8.97
C LEU A 48 -1.65 13.16 -8.86
N THR A 49 -1.21 12.23 -9.70
CA THR A 49 0.17 11.78 -9.65
C THR A 49 1.13 12.91 -9.89
N ALA A 50 0.79 13.82 -10.80
CA ALA A 50 1.67 14.91 -11.17
C ALA A 50 1.83 15.91 -10.04
N THR A 51 0.92 15.91 -9.06
CA THR A 51 1.03 16.85 -7.94
C THR A 51 1.94 16.35 -6.82
N VAL A 52 2.32 15.08 -6.82
CA VAL A 52 3.10 14.48 -5.74
C VAL A 52 4.60 14.77 -5.99
N ASP A 53 5.34 15.19 -4.99
CA ASP A 53 6.78 15.47 -5.23
C ASP A 53 7.64 14.20 -5.18
N CYS A 54 8.95 14.35 -5.40
N CYS A 54 8.93 14.38 -5.39
CA CYS A 54 9.81 13.19 -5.61
CA CYS A 54 9.86 13.28 -5.58
C CYS A 54 10.18 12.52 -4.30
C CYS A 54 10.07 12.46 -4.31
N THR A 55 9.66 13.01 -3.18
CA THR A 55 9.92 12.35 -1.88
C THR A 55 8.93 11.24 -1.57
N ILE A 56 7.98 11.04 -2.48
CA ILE A 56 6.94 10.02 -2.30
C ILE A 56 6.88 9.14 -3.54
N ASP A 57 6.91 7.82 -3.35
CA ASP A 57 6.64 6.90 -4.44
C ASP A 57 5.15 6.89 -4.73
N THR A 58 4.78 7.16 -5.97
CA THR A 58 3.40 7.04 -6.39
C THR A 58 3.16 5.61 -6.92
N VAL A 59 2.01 5.06 -6.56
CA VAL A 59 1.70 3.66 -6.82
C VAL A 59 0.33 3.57 -7.48
N LEU A 60 0.28 2.97 -8.66
CA LEU A 60 -0.98 2.62 -9.31
C LEU A 60 -1.39 1.25 -8.79
N VAL A 61 -2.57 1.17 -8.19
CA VAL A 61 -3.05 -0.07 -7.60
C VAL A 61 -4.20 -0.61 -8.44
N VAL A 62 -4.03 -1.80 -9.01
CA VAL A 62 -5.04 -2.42 -9.86
C VAL A 62 -5.44 -3.78 -9.33
N ALA A 63 -6.60 -4.24 -9.76
CA ALA A 63 -7.19 -5.50 -9.30
C ALA A 63 -7.75 -6.36 -10.43
N THR A 64 -8.49 -5.75 -11.36
CA THR A 64 -9.27 -6.45 -12.36
C THR A 64 -8.92 -5.99 -13.78
N THR A 65 -7.95 -5.11 -13.91
CA THR A 65 -7.54 -4.55 -15.20
C THR A 65 -6.64 -5.57 -15.91
N PRO A 66 -6.93 -5.95 -17.17
CA PRO A 66 -6.03 -6.86 -17.89
C PRO A 66 -4.60 -6.35 -17.81
N ILE A 67 -3.65 -7.25 -17.61
CA ILE A 67 -2.30 -6.81 -17.27
C ILE A 67 -1.66 -5.91 -18.31
N ALA A 68 -1.89 -6.14 -19.61
CA ALA A 68 -1.30 -5.25 -20.60
C ALA A 68 -1.88 -3.82 -20.47
N ASP A 69 -3.16 -3.72 -20.18
CA ASP A 69 -3.80 -2.43 -19.95
C ASP A 69 -3.29 -1.76 -18.68
N ALA A 70 -3.03 -2.56 -17.66
CA ALA A 70 -2.51 -2.02 -16.42
C ALA A 70 -1.13 -1.42 -16.63
N LEU A 71 -0.30 -2.12 -17.42
CA LEU A 71 1.01 -1.60 -17.78
C LEU A 71 0.89 -0.30 -18.54
N ALA A 72 0.00 -0.25 -19.53
CA ALA A 72 -0.20 0.97 -20.31
C ALA A 72 -0.62 2.12 -19.42
N LEU A 73 -1.48 1.83 -18.44
CA LEU A 73 -1.97 2.86 -17.51
C LEU A 73 -0.85 3.32 -16.56
N ALA A 74 0.00 2.40 -16.12
CA ALA A 74 1.13 2.79 -15.29
C ALA A 74 2.03 3.74 -16.05
N GLU A 75 2.27 3.43 -17.33
N GLU A 75 2.30 3.43 -17.33
CA GLU A 75 3.12 4.25 -18.17
CA GLU A 75 3.13 4.31 -18.13
C GLU A 75 2.52 5.63 -18.49
C GLU A 75 2.48 5.68 -18.33
N SER A 76 1.22 5.69 -18.74
CA SER A 76 0.59 6.97 -19.11
C SER A 76 0.39 7.89 -17.94
N THR A 77 0.14 7.32 -16.76
CA THR A 77 -0.06 8.13 -15.56
C THR A 77 1.23 8.61 -14.94
N GLY A 78 2.35 7.99 -15.27
CA GLY A 78 3.63 8.42 -14.75
C GLY A 78 3.92 7.99 -13.32
N VAL A 79 3.22 6.99 -12.81
CA VAL A 79 3.48 6.49 -11.46
C VAL A 79 4.88 5.85 -11.37
N SER A 80 5.37 5.76 -10.15
CA SER A 80 6.63 5.09 -9.85
C SER A 80 6.48 3.57 -9.87
N VAL A 81 5.37 3.07 -9.36
CA VAL A 81 5.19 1.64 -9.04
C VAL A 81 3.83 1.17 -9.54
N LEU A 82 3.80 -0.07 -10.05
CA LEU A 82 2.56 -0.79 -10.35
C LEU A 82 2.34 -1.87 -9.30
N GLN A 83 1.26 -1.76 -8.53
CA GLN A 83 0.90 -2.72 -7.50
C GLN A 83 -0.28 -3.58 -7.98
N LEU A 84 -0.09 -4.90 -7.99
CA LEU A 84 -1.06 -5.85 -8.48
C LEU A 84 -1.72 -6.54 -7.29
N HIS A 85 -3.04 -6.49 -7.25
CA HIS A 85 -3.77 -7.20 -6.21
C HIS A 85 -3.71 -8.72 -6.43
N GLY A 86 -4.23 -9.47 -5.47
CA GLY A 86 -4.05 -10.90 -5.45
C GLY A 86 -4.78 -11.70 -6.52
N GLN A 87 -5.69 -11.07 -7.25
CA GLN A 87 -6.36 -11.73 -8.37
C GLN A 87 -5.40 -12.07 -9.48
N TYR A 88 -4.33 -11.29 -9.61
CA TYR A 88 -3.44 -11.51 -10.73
C TYR A 88 -2.70 -12.83 -10.58
N SER A 89 -2.53 -13.52 -11.69
CA SER A 89 -1.77 -14.75 -11.69
C SER A 89 -0.28 -14.48 -11.46
N ASP A 90 0.44 -15.52 -11.06
CA ASP A 90 1.89 -15.42 -10.97
C ASP A 90 2.49 -15.02 -12.32
N ASP A 91 1.95 -15.59 -13.39
CA ASP A 91 2.47 -15.27 -14.72
C ASP A 91 2.30 -13.78 -15.01
N ASP A 92 1.16 -13.21 -14.62
CA ASP A 92 0.93 -11.79 -14.87
C ASP A 92 1.91 -10.91 -14.09
N VAL A 93 2.24 -11.31 -12.87
CA VAL A 93 3.20 -10.55 -12.08
C VAL A 93 4.53 -10.47 -12.83
N ALA A 94 5.01 -11.61 -13.34
CA ALA A 94 6.29 -11.65 -14.02
C ALA A 94 6.24 -10.96 -15.39
N TYR A 95 5.12 -11.07 -16.07
CA TYR A 95 4.93 -10.36 -17.33
C TYR A 95 5.11 -8.87 -17.10
N ALA A 96 4.47 -8.36 -16.04
CA ALA A 96 4.62 -6.96 -15.68
C ALA A 96 6.03 -6.60 -15.24
N ALA A 97 6.64 -7.47 -14.42
CA ALA A 97 7.98 -7.17 -13.91
C ALA A 97 9.01 -7.06 -15.02
N ALA A 98 8.82 -7.79 -16.11
CA ALA A 98 9.75 -7.69 -17.23
C ALA A 98 9.57 -6.38 -18.00
N ARG A 99 8.41 -5.76 -17.87
CA ARG A 99 7.98 -4.65 -18.74
C ARG A 99 7.85 -3.31 -18.03
N PHE A 100 8.02 -3.27 -16.71
CA PHE A 100 7.86 -2.01 -15.94
C PHE A 100 8.85 -2.09 -14.79
N PRO A 101 9.50 -0.96 -14.43
N PRO A 101 9.46 -0.98 -14.38
CA PRO A 101 10.66 -1.00 -13.51
CA PRO A 101 10.66 -1.19 -13.56
C PRO A 101 10.37 -1.49 -12.09
C PRO A 101 10.39 -1.46 -12.07
N ARG A 102 9.17 -1.20 -11.57
CA ARG A 102 8.85 -1.43 -10.16
C ARG A 102 7.46 -2.02 -10.05
N VAL A 103 7.40 -3.32 -9.75
CA VAL A 103 6.14 -4.06 -9.62
C VAL A 103 6.03 -4.64 -8.22
N TRP A 104 4.89 -4.43 -7.58
CA TRP A 104 4.59 -4.98 -6.26
C TRP A 104 3.50 -6.04 -6.42
N ARG A 105 3.71 -7.15 -5.71
CA ARG A 105 2.82 -8.29 -5.64
C ARG A 105 2.04 -8.17 -4.31
N ALA A 106 0.73 -8.01 -4.32
CA ALA A 106 -0.06 -8.05 -3.12
C ALA A 106 -0.73 -9.42 -2.98
N THR A 107 -0.87 -9.91 -1.73
CA THR A 107 -1.55 -11.16 -1.45
C THR A 107 -2.08 -11.14 -0.03
N SER A 108 -2.77 -12.20 0.35
CA SER A 108 -3.26 -12.22 1.71
C SER A 108 -2.94 -13.54 2.31
N LEU A 109 -2.90 -13.60 3.64
CA LEU A 109 -2.48 -14.85 4.23
C LEU A 109 -3.44 -15.98 4.02
N SER A 110 -4.72 -15.65 3.89
CA SER A 110 -5.74 -16.68 3.71
C SER A 110 -5.60 -17.33 2.34
N ALA A 111 -4.86 -16.71 1.44
CA ALA A 111 -4.68 -17.26 0.10
C ALA A 111 -3.52 -18.25 0.03
N SER A 112 -2.95 -18.59 1.18
CA SER A 112 -1.74 -19.43 1.24
C SER A 112 -0.68 -19.01 0.20
N PRO A 113 -0.25 -17.76 0.24
CA PRO A 113 0.61 -17.25 -0.82
C PRO A 113 2.04 -17.70 -0.73
N ASN A 114 2.76 -17.54 -1.84
CA ASN A 114 4.20 -17.66 -1.84
C ASN A 114 4.76 -16.44 -1.12
N LEU A 115 5.46 -16.65 -0.01
CA LEU A 115 5.96 -15.58 0.84
C LEU A 115 7.40 -15.19 0.56
N THR A 116 7.99 -15.70 -0.52
CA THR A 116 9.35 -15.32 -0.86
C THR A 116 9.32 -14.09 -1.78
N VAL A 117 9.89 -12.98 -1.31
CA VAL A 117 9.87 -11.76 -2.09
C VAL A 117 10.76 -11.91 -3.32
N GLY A 118 10.21 -11.54 -4.46
CA GLY A 118 10.92 -11.59 -5.73
C GLY A 118 10.74 -12.91 -6.47
N ALA A 119 9.95 -13.83 -5.96
CA ALA A 119 9.71 -15.11 -6.61
C ALA A 119 9.21 -14.98 -8.04
N TYR A 120 8.44 -13.94 -8.34
CA TYR A 120 7.88 -13.72 -9.67
C TYR A 120 8.31 -12.39 -10.27
N GLY A 121 9.45 -11.87 -9.82
CA GLY A 121 10.02 -10.64 -10.35
C GLY A 121 9.64 -9.36 -9.61
N GLU A 122 8.74 -9.46 -8.63
CA GLU A 122 8.33 -8.26 -7.90
C GLU A 122 9.46 -7.71 -7.04
N GLU A 123 9.43 -6.40 -6.85
CA GLU A 123 10.30 -5.67 -5.98
C GLU A 123 9.97 -5.85 -4.50
N LEU A 124 8.67 -6.02 -4.23
CA LEU A 124 8.14 -5.97 -2.88
C LEU A 124 6.86 -6.78 -2.87
N LEU A 125 6.58 -7.39 -1.73
CA LEU A 125 5.36 -8.13 -1.46
C LEU A 125 4.52 -7.41 -0.40
N LEU A 126 3.24 -7.20 -0.67
N LEU A 126 3.23 -7.19 -0.66
CA LEU A 126 2.33 -6.63 0.30
CA LEU A 126 2.28 -6.80 0.39
C LEU A 126 1.51 -7.80 0.81
C LEU A 126 1.61 -8.05 0.92
N LEU A 127 1.56 -8.04 2.13
N LEU A 127 1.50 -8.14 2.25
CA LEU A 127 0.89 -9.15 2.77
CA LEU A 127 0.84 -9.25 2.90
C LEU A 127 -0.23 -8.63 3.63
C LEU A 127 -0.35 -8.73 3.70
N ASP A 128 -1.46 -9.00 3.31
N ASP A 128 -1.54 -9.01 3.19
CA ASP A 128 -2.64 -8.52 4.04
CA ASP A 128 -2.75 -8.63 3.91
C ASP A 128 -3.13 -9.60 4.97
C ASP A 128 -2.99 -9.68 5.00
N ALA A 129 -3.22 -9.22 6.23
CA ALA A 129 -3.60 -10.08 7.34
C ALA A 129 -4.79 -9.43 8.04
N PRO A 130 -5.94 -9.33 7.36
CA PRO A 130 -7.08 -8.55 7.84
C PRO A 130 -7.65 -8.94 9.21
N GLN A 131 -7.47 -10.17 9.66
CA GLN A 131 -8.05 -10.55 10.96
C GLN A 131 -7.12 -10.31 12.14
N ALA A 132 -5.84 -10.04 11.87
CA ALA A 132 -4.85 -9.90 12.94
C ALA A 132 -5.15 -8.75 13.89
N GLY A 133 -5.95 -7.78 13.47
CA GLY A 133 -6.38 -6.71 14.37
C GLY A 133 -7.81 -6.82 14.92
N SER A 134 -8.40 -8.00 14.83
CA SER A 134 -9.80 -8.18 15.25
C SER A 134 -10.02 -8.10 16.78
N GLY A 135 -8.98 -8.37 17.58
CA GLY A 135 -9.08 -8.35 19.03
C GLY A 135 -8.49 -7.08 19.64
N HIS A 136 -8.38 -7.07 20.98
CA HIS A 136 -7.92 -5.89 21.71
C HIS A 136 -6.46 -5.59 21.44
N THR A 137 -5.68 -6.64 21.20
CA THR A 137 -4.27 -6.48 20.88
C THR A 137 -3.94 -7.21 19.58
N TRP A 138 -2.87 -6.79 18.91
CA TRP A 138 -2.50 -7.27 17.59
C TRP A 138 -2.08 -8.74 17.65
N ASP A 139 -2.64 -9.59 16.78
CA ASP A 139 -2.37 -11.01 16.84
C ASP A 139 -1.09 -11.30 16.08
N PHE A 140 0.05 -11.08 16.73
CA PHE A 140 1.32 -11.24 16.05
C PHE A 140 1.59 -12.71 15.69
N ALA A 141 0.87 -13.65 16.30
CA ALA A 141 1.00 -15.05 15.93
C ALA A 141 0.56 -15.32 14.52
N ALA A 142 -0.30 -14.47 13.95
CA ALA A 142 -0.80 -14.66 12.60
C ALA A 142 0.29 -14.41 11.54
N LEU A 143 1.36 -13.71 11.91
CA LEU A 143 2.45 -13.37 10.99
C LEU A 143 3.60 -14.31 11.41
N ALA A 144 4.51 -13.84 12.28
CA ALA A 144 5.46 -14.70 12.98
C ALA A 144 6.34 -15.44 11.96
N HIS A 145 6.34 -16.77 11.95
CA HIS A 145 7.19 -17.51 11.02
C HIS A 145 6.89 -17.23 9.55
N ARG A 146 5.73 -16.65 9.26
CA ARG A 146 5.33 -16.36 7.89
C ARG A 146 5.91 -15.03 7.38
N ARG A 147 6.53 -14.24 8.23
CA ARG A 147 7.07 -12.94 7.81
C ARG A 147 8.14 -13.14 6.74
N PRO A 148 8.03 -12.43 5.60
CA PRO A 148 9.08 -12.51 4.58
C PRO A 148 10.43 -12.03 5.07
N THR A 149 11.51 -12.57 4.49
CA THR A 149 12.84 -12.07 4.75
C THR A 149 13.23 -10.85 3.90
N GLY A 150 12.50 -10.63 2.80
CA GLY A 150 12.80 -9.54 1.88
C GLY A 150 11.98 -8.28 2.15
N ARG A 151 11.80 -7.48 1.12
CA ARG A 151 11.09 -6.20 1.21
C ARG A 151 9.59 -6.45 1.15
N TRP A 152 8.87 -6.06 2.20
CA TRP A 152 7.45 -6.33 2.28
C TRP A 152 6.73 -5.25 3.06
N LEU A 153 5.44 -5.11 2.78
CA LEU A 153 4.55 -4.26 3.57
C LEU A 153 3.50 -5.10 4.24
N LEU A 154 3.27 -4.82 5.51
CA LEU A 154 2.17 -5.38 6.26
C LEU A 154 0.93 -4.53 6.06
N ALA A 155 -0.18 -5.18 5.76
CA ALA A 155 -1.50 -4.58 5.78
C ALA A 155 -2.43 -5.46 6.58
N GLY A 156 -3.53 -4.92 7.04
CA GLY A 156 -4.59 -5.72 7.62
C GLY A 156 -5.41 -4.91 8.59
N GLY A 157 -6.17 -3.95 8.07
CA GLY A 157 -6.97 -3.16 8.94
C GLY A 157 -6.14 -2.35 9.92
N LEU A 158 -4.96 -1.90 9.50
CA LEU A 158 -4.16 -1.04 10.37
C LEU A 158 -4.87 0.29 10.57
N THR A 159 -4.74 0.82 11.78
CA THR A 159 -5.33 2.08 12.19
C THR A 159 -4.36 2.82 13.09
N PRO A 160 -4.62 4.11 13.38
CA PRO A 160 -3.78 4.77 14.38
C PRO A 160 -3.85 4.06 15.73
N ASP A 161 -4.95 3.36 16.04
CA ASP A 161 -5.13 2.70 17.31
C ASP A 161 -4.34 1.40 17.45
N ASN A 162 -4.04 0.71 16.36
CA ASN A 162 -3.34 -0.57 16.46
C ASN A 162 -1.94 -0.59 15.85
N VAL A 163 -1.52 0.48 15.19
CA VAL A 163 -0.31 0.35 14.39
C VAL A 163 0.95 0.28 15.26
N ALA A 164 1.00 0.98 16.40
CA ALA A 164 2.19 0.87 17.23
C ALA A 164 2.38 -0.57 17.71
N ASP A 165 1.28 -1.19 18.15
N ASP A 165 1.29 -1.24 18.12
CA ASP A 165 1.28 -2.58 18.59
CA ASP A 165 1.37 -2.63 18.60
C ASP A 165 1.74 -3.48 17.44
C ASP A 165 1.69 -3.58 17.44
N ALA A 166 1.12 -3.32 16.26
CA ALA A 166 1.47 -4.13 15.11
C ALA A 166 2.96 -4.02 14.76
N ILE A 167 3.48 -2.79 14.70
CA ILE A 167 4.89 -2.60 14.33
C ILE A 167 5.81 -3.14 15.41
N THR A 168 5.47 -2.89 16.68
CA THR A 168 6.33 -3.35 17.77
C THR A 168 6.48 -4.86 17.78
N THR A 169 5.35 -5.55 17.58
CA THR A 169 5.30 -7.00 17.72
C THR A 169 5.71 -7.75 16.46
N THR A 170 5.41 -7.20 15.29
CA THR A 170 5.65 -7.88 14.03
C THR A 170 6.89 -7.35 13.28
N SER A 171 7.35 -6.14 13.62
CA SER A 171 8.57 -5.57 13.02
C SER A 171 8.60 -5.72 11.49
N PRO A 172 7.55 -5.24 10.81
CA PRO A 172 7.54 -5.37 9.35
C PRO A 172 8.53 -4.43 8.68
N TRP A 173 8.89 -4.71 7.45
CA TRP A 173 9.74 -3.83 6.67
C TRP A 173 9.04 -2.48 6.40
N GLY A 174 7.71 -2.51 6.26
CA GLY A 174 6.91 -1.33 6.14
C GLY A 174 5.45 -1.69 6.36
N VAL A 175 4.59 -0.67 6.27
CA VAL A 175 3.14 -0.84 6.48
C VAL A 175 2.38 -0.13 5.37
N ASP A 176 1.17 -0.62 5.15
CA ASP A 176 0.22 -0.07 4.19
C ASP A 176 -1.09 0.15 4.93
N VAL A 177 -1.71 1.32 4.73
CA VAL A 177 -2.95 1.69 5.42
C VAL A 177 -3.88 2.34 4.42
N SER A 178 -5.18 2.09 4.60
CA SER A 178 -6.21 2.67 3.75
C SER A 178 -7.48 2.95 4.58
N SER A 179 -8.27 1.93 4.85
CA SER A 179 -9.54 2.17 5.54
C SER A 179 -9.34 2.81 6.91
N GLY A 180 -8.24 2.47 7.57
CA GLY A 180 -8.01 2.98 8.91
C GLY A 180 -7.68 4.45 9.00
N VAL A 181 -7.47 5.10 7.86
CA VAL A 181 -7.26 6.55 7.86
C VAL A 181 -8.33 7.29 7.07
N GLU A 182 -9.49 6.67 6.93
CA GLU A 182 -10.63 7.25 6.23
C GLU A 182 -11.67 7.79 7.19
N SER A 183 -12.33 8.87 6.78
CA SER A 183 -13.57 9.30 7.40
C SER A 183 -14.79 8.67 6.72
N ALA A 184 -14.63 8.24 5.47
CA ALA A 184 -15.66 7.54 4.71
C ALA A 184 -14.90 6.83 3.59
N PRO A 185 -15.50 5.83 2.93
CA PRO A 185 -14.76 5.13 1.87
C PRO A 185 -14.38 6.09 0.77
N GLY A 186 -13.10 6.08 0.44
CA GLY A 186 -12.56 6.95 -0.55
C GLY A 186 -12.37 8.35 -0.06
N VAL A 187 -12.52 8.63 1.26
CA VAL A 187 -12.27 9.96 1.77
C VAL A 187 -11.21 9.85 2.87
N LYS A 188 -9.97 10.20 2.55
CA LYS A 188 -8.89 10.14 3.54
C LYS A 188 -9.01 11.34 4.47
N ASP A 189 -8.75 11.10 5.75
N ASP A 189 -8.76 11.08 5.75
CA ASP A 189 -8.90 12.07 6.83
CA ASP A 189 -8.87 12.10 6.77
C ASP A 189 -7.52 12.57 7.22
C ASP A 189 -7.49 12.57 7.17
N PRO A 190 -7.20 13.87 6.99
CA PRO A 190 -5.86 14.34 7.35
C PRO A 190 -5.46 14.07 8.80
N ALA A 191 -6.38 14.25 9.75
CA ALA A 191 -6.02 14.01 11.14
C ALA A 191 -5.64 12.56 11.38
N LYS A 192 -6.35 11.62 10.76
CA LYS A 192 -6.01 10.23 10.92
C LYS A 192 -4.68 9.88 10.26
N ILE A 193 -4.39 10.46 9.10
CA ILE A 193 -3.09 10.24 8.48
C ILE A 193 -1.97 10.70 9.39
N ALA A 194 -2.12 11.91 9.94
CA ALA A 194 -1.11 12.43 10.84
C ALA A 194 -0.94 11.53 12.06
N ALA A 195 -2.05 11.11 12.63
CA ALA A 195 -2.03 10.27 13.84
C ALA A 195 -1.39 8.91 13.55
N PHE A 196 -1.71 8.33 12.40
CA PHE A 196 -1.15 7.05 12.00
C PHE A 196 0.37 7.13 11.94
N VAL A 197 0.88 8.15 11.25
CA VAL A 197 2.30 8.29 11.08
C VAL A 197 2.98 8.54 12.44
N GLN A 198 2.37 9.38 13.28
CA GLN A 198 2.92 9.63 14.60
C GLN A 198 3.03 8.33 15.39
N ALA A 199 1.98 7.55 15.41
CA ALA A 199 1.97 6.29 16.14
C ALA A 199 3.02 5.32 15.59
N ALA A 200 3.12 5.23 14.26
CA ALA A 200 4.01 4.28 13.62
C ALA A 200 5.48 4.68 13.88
N ARG A 201 5.81 5.96 13.71
CA ARG A 201 7.19 6.41 13.87
C ARG A 201 7.61 6.49 15.31
N GLY A 202 6.64 6.58 16.21
CA GLY A 202 6.95 6.67 17.60
C GLY A 202 7.49 5.38 18.15
N VAL A 203 7.35 4.28 17.41
CA VAL A 203 7.90 3.00 17.85
C VAL A 203 9.41 3.09 17.84
N SER A 204 10.00 3.50 16.73
CA SER A 204 11.46 3.63 16.70
C SER A 204 11.97 5.00 17.17
N CYS A 205 11.16 6.05 17.02
CA CYS A 205 11.57 7.40 17.45
C CYS A 205 10.47 8.08 18.25
N PRO A 206 10.26 7.61 19.48
CA PRO A 206 9.17 8.19 20.29
C PRO A 206 9.49 9.62 20.70
N ARG A 207 8.45 10.43 20.88
CA ARG A 207 8.67 11.84 21.22
C ARG A 207 7.72 12.33 22.33
#